data_1LPD
#
_entry.id   1LPD
#
_cell.length_a   37.093
_cell.length_b   78.464
_cell.length_c   42.721
_cell.angle_alpha   90.000
_cell.angle_beta   105.26
_cell.angle_gamma   90.000
#
_symmetry.space_group_name_H-M   'P 1 21 1'
#
loop_
_entity.id
_entity.type
_entity.pdbx_description
1 polymer 'Dianthin 30'
2 non-polymer ADENINE
3 water water
#
_entity_poly.entity_id   1
_entity_poly.type   'polypeptide(L)'
_entity_poly.pdbx_seq_one_letter_code
;ATAYTLNLANPSASQYSSFLDQIRNNVRDTSLIYGGTDVEVIGAPSTTDKFLRLNFQGPRGTVSLGLRRENLYVVAYLAM
DNANVNRAYYFKNQITSAELTALFPEVVVANQKQLEYGEDYQAIEKNAKITTGDQSRKELGLGINLLITMIDGVNKKVRV
VKDEARFLLIAIQMTAEAARFRYIQNLVTKNFPNKFDSENKVIQFQVSWSKISTAIFGDCKNGVFNKDYDFGFGKVRQAK
DLQMGLLKYLGRPK
;
_entity_poly.pdbx_strand_id   A
#
# COMPACT_ATOMS: atom_id res chain seq x y z
N ALA A 1 -2.21 -16.73 -6.92
CA ALA A 1 -2.85 -15.73 -6.05
C ALA A 1 -3.88 -14.90 -6.80
N THR A 2 -4.80 -14.29 -6.07
CA THR A 2 -5.82 -13.44 -6.66
C THR A 2 -5.16 -12.15 -7.14
N ALA A 3 -5.63 -11.62 -8.26
CA ALA A 3 -5.07 -10.39 -8.82
C ALA A 3 -6.10 -9.36 -9.21
N TYR A 4 -5.81 -8.10 -8.86
CA TYR A 4 -6.68 -6.98 -9.21
C TYR A 4 -5.85 -6.07 -10.08
N THR A 5 -6.47 -5.50 -11.11
CA THR A 5 -5.76 -4.64 -12.03
C THR A 5 -6.25 -3.20 -12.03
N LEU A 6 -5.29 -2.27 -12.04
CA LEU A 6 -5.59 -0.85 -12.10
C LEU A 6 -5.17 -0.42 -13.52
N ASN A 7 -6.16 -0.01 -14.32
CA ASN A 7 -5.92 0.43 -15.69
C ASN A 7 -5.45 1.88 -15.68
N LEU A 8 -4.16 2.08 -15.93
CA LEU A 8 -3.57 3.41 -15.95
C LEU A 8 -3.52 3.98 -17.38
N ALA A 9 -3.94 3.17 -18.35
CA ALA A 9 -3.97 3.61 -19.75
C ALA A 9 -5.17 4.51 -19.96
N ASN A 10 -6.22 4.25 -19.18
CA ASN A 10 -7.46 5.02 -19.24
C ASN A 10 -7.96 5.10 -17.79
N PRO A 11 -7.32 5.95 -16.97
CA PRO A 11 -7.70 6.10 -15.56
C PRO A 11 -8.90 6.98 -15.25
N SER A 12 -9.66 6.58 -14.25
CA SER A 12 -10.83 7.33 -13.80
C SER A 12 -10.87 7.22 -12.29
N ALA A 13 -11.40 8.24 -11.63
CA ALA A 13 -11.49 8.25 -10.16
C ALA A 13 -12.30 7.07 -9.64
N SER A 14 -13.40 6.76 -10.33
CA SER A 14 -14.26 5.65 -9.95
C SER A 14 -13.53 4.32 -10.00
N GLN A 15 -12.73 4.11 -11.05
CA GLN A 15 -11.95 2.87 -11.20
C GLN A 15 -10.95 2.71 -10.06
N TYR A 16 -10.30 3.80 -9.68
CA TYR A 16 -9.31 3.76 -8.60
C TYR A 16 -9.99 3.39 -7.28
N SER A 17 -11.14 4.00 -7.01
CA SER A 17 -11.87 3.73 -5.78
C SER A 17 -12.35 2.29 -5.70
N SER A 18 -12.85 1.76 -6.81
CA SER A 18 -13.34 0.38 -6.85
C SER A 18 -12.18 -0.59 -6.65
N PHE A 19 -11.01 -0.20 -7.18
CA PHE A 19 -9.79 -1.00 -7.06
C PHE A 19 -9.41 -1.12 -5.58
N LEU A 20 -9.50 -0.01 -4.85
CA LEU A 20 -9.18 -0.03 -3.41
C LEU A 20 -10.19 -0.86 -2.65
N ASP A 21 -11.47 -0.77 -3.03
CA ASP A 21 -12.51 -1.55 -2.39
C ASP A 21 -12.32 -3.04 -2.62
N GLN A 22 -11.80 -3.41 -3.78
CA GLN A 22 -11.54 -4.80 -4.10
C GLN A 22 -10.48 -5.34 -3.15
N ILE A 23 -9.46 -4.52 -2.85
CA ILE A 23 -8.40 -4.91 -1.94
C ILE A 23 -8.98 -5.10 -0.52
N ARG A 24 -9.74 -4.10 -0.08
CA ARG A 24 -10.37 -4.12 1.25
C ARG A 24 -11.27 -5.33 1.45
N ASN A 25 -12.14 -5.57 0.48
CA ASN A 25 -13.09 -6.69 0.53
C ASN A 25 -12.42 -8.05 0.46
N ASN A 26 -11.26 -8.12 -0.19
CA ASN A 26 -10.54 -9.38 -0.30
C ASN A 26 -9.95 -9.84 1.04
N VAL A 27 -9.33 -8.92 1.76
CA VAL A 27 -8.67 -9.25 3.02
C VAL A 27 -9.50 -9.16 4.31
N ARG A 28 -10.64 -8.48 4.26
CA ARG A 28 -11.48 -8.32 5.45
C ARG A 28 -12.28 -9.55 5.89
N ASP A 29 -12.60 -9.57 7.19
CA ASP A 29 -13.42 -10.61 7.78
C ASP A 29 -14.65 -9.81 8.16
N THR A 30 -15.72 -10.00 7.40
CA THR A 30 -16.97 -9.28 7.61
C THR A 30 -17.64 -9.52 8.96
N SER A 31 -17.23 -10.57 9.68
CA SER A 31 -17.80 -10.86 10.98
C SER A 31 -17.14 -10.04 12.09
N LEU A 32 -16.05 -9.37 11.76
CA LEU A 32 -15.32 -8.55 12.73
C LEU A 32 -15.81 -7.10 12.80
N ILE A 33 -16.22 -6.68 13.99
CA ILE A 33 -16.70 -5.33 14.24
C ILE A 33 -15.90 -4.76 15.41
N TYR A 34 -15.06 -3.77 15.12
CA TYR A 34 -14.23 -3.14 16.14
C TYR A 34 -14.83 -1.84 16.63
N GLY A 35 -14.88 -1.68 17.96
CA GLY A 35 -15.40 -0.48 18.58
C GLY A 35 -16.77 -0.02 18.13
N GLY A 36 -17.60 -0.96 17.65
CA GLY A 36 -18.93 -0.61 17.19
C GLY A 36 -18.95 0.24 15.93
N THR A 37 -17.88 0.16 15.14
CA THR A 37 -17.78 0.93 13.89
C THR A 37 -18.04 0.03 12.70
N ASP A 38 -18.32 0.65 11.54
CA ASP A 38 -18.58 -0.10 10.32
C ASP A 38 -17.33 -0.26 9.45
N VAL A 39 -16.17 0.10 10.01
CA VAL A 39 -14.91 0.00 9.27
C VAL A 39 -14.48 -1.45 9.07
N GLU A 40 -13.98 -1.74 7.87
CA GLU A 40 -13.51 -3.08 7.53
C GLU A 40 -12.27 -3.43 8.36
N VAL A 41 -12.20 -4.69 8.78
CA VAL A 41 -11.08 -5.18 9.57
C VAL A 41 -10.45 -6.35 8.84
N ILE A 42 -9.13 -6.37 8.75
CA ILE A 42 -8.41 -7.47 8.11
C ILE A 42 -8.64 -8.73 8.94
N GLY A 43 -8.91 -9.85 8.26
CA GLY A 43 -9.14 -11.10 8.96
C GLY A 43 -7.87 -11.76 9.45
N ALA A 44 -8.03 -12.82 10.25
CA ALA A 44 -6.88 -13.55 10.78
C ALA A 44 -6.00 -14.10 9.65
N PRO A 45 -4.70 -14.23 9.91
CA PRO A 45 -3.77 -14.73 8.88
C PRO A 45 -4.12 -16.10 8.35
N SER A 46 -3.97 -16.26 7.03
CA SER A 46 -4.25 -17.51 6.33
C SER A 46 -2.95 -18.22 5.98
N THR A 47 -2.97 -19.54 6.07
CA THR A 47 -1.80 -20.35 5.76
C THR A 47 -1.85 -20.75 4.27
N THR A 48 -3.04 -20.67 3.71
CA THR A 48 -3.30 -21.01 2.31
C THR A 48 -3.06 -19.80 1.40
N ASP A 49 -4.00 -18.86 1.42
CA ASP A 49 -3.92 -17.65 0.60
C ASP A 49 -3.17 -16.55 1.35
N LYS A 50 -1.85 -16.56 1.22
CA LYS A 50 -0.99 -15.60 1.88
C LYS A 50 -0.73 -14.29 1.14
N PHE A 51 -0.79 -14.33 -0.18
CA PHE A 51 -0.50 -13.13 -0.97
C PHE A 51 -1.58 -12.67 -1.94
N LEU A 52 -1.48 -11.39 -2.30
CA LEU A 52 -2.40 -10.77 -3.24
C LEU A 52 -1.52 -10.08 -4.31
N ARG A 53 -1.95 -10.16 -5.56
CA ARG A 53 -1.21 -9.53 -6.66
C ARG A 53 -1.94 -8.32 -7.22
N LEU A 54 -1.22 -7.20 -7.34
CA LEU A 54 -1.80 -5.97 -7.88
C LEU A 54 -1.08 -5.62 -9.18
N ASN A 55 -1.84 -5.42 -10.24
CA ASN A 55 -1.27 -5.08 -11.55
C ASN A 55 -1.51 -3.63 -11.94
N PHE A 56 -0.43 -2.92 -12.28
CA PHE A 56 -0.52 -1.53 -12.72
C PHE A 56 -0.37 -1.62 -14.23
N GLN A 57 -1.50 -1.56 -14.93
CA GLN A 57 -1.53 -1.69 -16.37
C GLN A 57 -1.42 -0.36 -17.12
N GLY A 58 -0.31 -0.20 -17.84
CA GLY A 58 -0.07 1.01 -18.61
C GLY A 58 -0.04 0.76 -20.11
N PRO A 59 0.02 1.82 -20.93
CA PRO A 59 0.05 1.68 -22.39
C PRO A 59 1.24 0.90 -22.92
N ARG A 60 2.39 1.02 -22.26
CA ARG A 60 3.61 0.35 -22.72
C ARG A 60 4.09 -0.83 -21.88
N GLY A 61 3.25 -1.33 -20.99
CA GLY A 61 3.66 -2.46 -20.18
C GLY A 61 2.96 -2.49 -18.84
N THR A 62 3.13 -3.60 -18.13
CA THR A 62 2.50 -3.78 -16.84
C THR A 62 3.53 -4.11 -15.76
N VAL A 63 3.40 -3.42 -14.63
CA VAL A 63 4.28 -3.63 -13.48
C VAL A 63 3.35 -4.17 -12.38
N SER A 64 3.83 -5.14 -11.61
CA SER A 64 3.01 -5.73 -10.58
C SER A 64 3.59 -5.63 -9.18
N LEU A 65 2.69 -5.68 -8.20
CA LEU A 65 3.07 -5.58 -6.79
C LEU A 65 2.51 -6.81 -6.06
N GLY A 66 3.27 -7.28 -5.08
CA GLY A 66 2.84 -8.42 -4.29
C GLY A 66 2.65 -7.93 -2.86
N LEU A 67 1.48 -8.18 -2.29
CA LEU A 67 1.17 -7.76 -0.92
C LEU A 67 0.77 -8.94 -0.04
N ARG A 68 1.15 -8.87 1.23
CA ARG A 68 0.79 -9.89 2.20
C ARG A 68 -0.63 -9.57 2.65
N ARG A 69 -1.55 -10.53 2.49
CA ARG A 69 -2.94 -10.34 2.88
C ARG A 69 -3.16 -10.15 4.38
N GLU A 70 -2.22 -10.68 5.17
CA GLU A 70 -2.26 -10.61 6.63
C GLU A 70 -2.16 -9.19 7.18
N ASN A 71 -1.44 -8.32 6.48
CA ASN A 71 -1.24 -6.95 6.96
C ASN A 71 -1.05 -5.87 5.87
N LEU A 72 -1.21 -6.27 4.60
CA LEU A 72 -1.04 -5.37 3.46
C LEU A 72 0.39 -4.87 3.25
N TYR A 73 1.38 -5.60 3.77
CA TYR A 73 2.77 -5.22 3.59
C TYR A 73 3.23 -5.62 2.20
N VAL A 74 3.93 -4.70 1.53
CA VAL A 74 4.44 -5.00 0.19
C VAL A 74 5.65 -5.89 0.35
N VAL A 75 5.63 -7.03 -0.35
CA VAL A 75 6.72 -8.01 -0.28
C VAL A 75 7.58 -8.13 -1.53
N ALA A 76 7.06 -7.67 -2.66
CA ALA A 76 7.81 -7.76 -3.91
C ALA A 76 7.16 -7.01 -5.05
N TYR A 77 7.87 -6.92 -6.17
CA TYR A 77 7.35 -6.26 -7.34
C TYR A 77 7.94 -6.93 -8.59
N LEU A 78 7.20 -6.83 -9.69
CA LEU A 78 7.60 -7.42 -10.96
C LEU A 78 7.68 -6.34 -12.04
N ALA A 79 8.74 -6.39 -12.83
CA ALA A 79 8.93 -5.43 -13.93
C ALA A 79 9.88 -6.02 -14.95
N MET A 80 9.63 -5.73 -16.22
CA MET A 80 10.49 -6.20 -17.31
C MET A 80 11.69 -5.28 -17.39
N ASP A 81 12.86 -5.84 -17.70
CA ASP A 81 14.05 -5.02 -17.81
C ASP A 81 14.18 -4.49 -19.23
N ASN A 82 15.34 -3.94 -19.55
CA ASN A 82 15.61 -3.38 -20.87
C ASN A 82 15.55 -4.42 -21.98
N ALA A 83 15.73 -5.69 -21.63
CA ALA A 83 15.68 -6.79 -22.58
C ALA A 83 14.32 -7.48 -22.62
N ASN A 84 13.31 -6.81 -22.06
CA ASN A 84 11.94 -7.31 -21.99
C ASN A 84 11.80 -8.59 -21.16
N VAL A 85 12.81 -8.87 -20.35
CA VAL A 85 12.81 -10.05 -19.48
C VAL A 85 12.11 -9.71 -18.17
N ASN A 86 11.12 -10.52 -17.81
CA ASN A 86 10.39 -10.32 -16.56
C ASN A 86 11.31 -10.63 -15.38
N ARG A 87 11.35 -9.72 -14.41
CA ARG A 87 12.17 -9.93 -13.22
C ARG A 87 11.38 -9.60 -11.96
N ALA A 88 11.59 -10.39 -10.92
CA ALA A 88 10.91 -10.19 -9.65
C ALA A 88 11.91 -9.82 -8.58
N TYR A 89 11.59 -8.79 -7.80
CA TYR A 89 12.45 -8.31 -6.74
C TYR A 89 11.67 -8.44 -5.44
N TYR A 90 12.26 -9.09 -4.44
CA TYR A 90 11.56 -9.31 -3.19
C TYR A 90 12.35 -9.00 -1.93
N PHE A 91 11.62 -8.73 -0.85
CA PHE A 91 12.23 -8.47 0.44
C PHE A 91 12.44 -9.83 1.11
N LYS A 92 13.70 -10.11 1.45
CA LYS A 92 14.12 -11.38 2.06
C LYS A 92 13.19 -12.04 3.09
N ASN A 93 12.96 -11.35 4.19
CA ASN A 93 12.12 -11.86 5.27
C ASN A 93 10.63 -11.86 4.97
N GLN A 94 10.27 -11.51 3.74
CA GLN A 94 8.86 -11.43 3.36
C GLN A 94 8.27 -12.56 2.51
N ILE A 95 9.09 -13.25 1.73
CA ILE A 95 8.57 -14.31 0.86
C ILE A 95 9.66 -15.27 0.37
N THR A 96 9.26 -16.51 0.07
CA THR A 96 10.20 -17.53 -0.42
C THR A 96 10.11 -17.69 -1.93
N SER A 97 11.09 -18.36 -2.50
CA SER A 97 11.16 -18.60 -3.94
C SER A 97 9.92 -19.32 -4.48
N ALA A 98 9.49 -20.37 -3.77
CA ALA A 98 8.32 -21.15 -4.18
C ALA A 98 7.06 -20.28 -4.18
N GLU A 99 6.92 -19.44 -3.16
CA GLU A 99 5.76 -18.56 -3.06
C GLU A 99 5.83 -17.49 -4.15
N LEU A 100 7.04 -17.00 -4.41
CA LEU A 100 7.26 -15.99 -5.43
C LEU A 100 6.93 -16.57 -6.81
N THR A 101 7.25 -17.85 -6.99
CA THR A 101 6.96 -18.56 -8.23
C THR A 101 5.45 -18.64 -8.47
N ALA A 102 4.72 -18.87 -7.39
CA ALA A 102 3.26 -18.96 -7.45
C ALA A 102 2.63 -17.59 -7.64
N LEU A 103 3.26 -16.56 -7.07
CA LEU A 103 2.76 -15.19 -7.18
C LEU A 103 3.02 -14.59 -8.55
N PHE A 104 4.26 -14.76 -9.03
CA PHE A 104 4.68 -14.24 -10.34
C PHE A 104 5.21 -15.41 -11.18
N PRO A 105 4.32 -16.19 -11.79
CA PRO A 105 4.69 -17.35 -12.61
C PRO A 105 5.54 -17.01 -13.83
N GLU A 106 5.33 -15.81 -14.39
CA GLU A 106 6.08 -15.38 -15.56
C GLU A 106 7.56 -15.13 -15.31
N VAL A 107 7.99 -15.25 -14.07
CA VAL A 107 9.40 -15.05 -13.71
C VAL A 107 10.04 -16.37 -13.31
N VAL A 108 11.15 -16.72 -13.94
CA VAL A 108 11.87 -17.97 -13.63
C VAL A 108 12.72 -17.76 -12.38
N VAL A 109 13.01 -18.84 -11.66
CA VAL A 109 13.79 -18.78 -10.43
C VAL A 109 15.07 -17.95 -10.56
N ALA A 110 15.78 -18.11 -11.66
CA ALA A 110 17.03 -17.38 -11.90
C ALA A 110 16.84 -15.87 -11.96
N ASN A 111 15.63 -15.43 -12.32
CA ASN A 111 15.35 -14.00 -12.41
C ASN A 111 14.68 -13.40 -11.18
N GLN A 112 14.73 -14.13 -10.08
CA GLN A 112 14.18 -13.66 -8.81
C GLN A 112 15.36 -13.04 -8.06
N LYS A 113 15.26 -11.77 -7.72
CA LYS A 113 16.35 -11.10 -7.01
C LYS A 113 15.94 -10.53 -5.65
N GLN A 114 16.76 -10.81 -4.65
CA GLN A 114 16.51 -10.33 -3.30
C GLN A 114 17.03 -8.89 -3.18
N LEU A 115 16.16 -7.99 -2.71
CA LEU A 115 16.52 -6.59 -2.55
C LEU A 115 17.53 -6.41 -1.42
N GLU A 116 18.51 -5.53 -1.66
CA GLU A 116 19.58 -5.24 -0.69
C GLU A 116 19.15 -4.49 0.57
N TYR A 117 18.02 -3.79 0.49
CA TYR A 117 17.54 -3.01 1.63
C TYR A 117 16.26 -3.54 2.30
N GLY A 118 15.89 -2.92 3.42
CA GLY A 118 14.71 -3.32 4.16
C GLY A 118 13.40 -2.80 3.59
N GLU A 119 12.30 -3.45 3.98
CA GLU A 119 10.96 -3.11 3.51
C GLU A 119 10.32 -1.91 4.22
N ASP A 120 10.99 -1.40 5.25
CA ASP A 120 10.48 -0.25 6.00
C ASP A 120 10.75 1.04 5.22
N TYR A 121 9.90 2.05 5.42
CA TYR A 121 10.03 3.33 4.73
C TYR A 121 11.42 3.96 4.87
N GLN A 122 11.97 3.95 6.08
CA GLN A 122 13.29 4.53 6.34
C GLN A 122 14.35 3.98 5.39
N ALA A 123 14.44 2.66 5.28
CA ALA A 123 15.40 2.01 4.40
C ALA A 123 15.18 2.36 2.94
N ILE A 124 13.92 2.31 2.51
CA ILE A 124 13.59 2.62 1.13
C ILE A 124 13.87 4.09 0.81
N GLU A 125 13.51 4.98 1.73
CA GLU A 125 13.71 6.42 1.55
C GLU A 125 15.19 6.78 1.36
N LYS A 126 16.06 6.12 2.10
CA LYS A 126 17.50 6.38 2.00
C LYS A 126 18.04 6.05 0.61
N ASN A 127 17.50 5.00 0.00
CA ASN A 127 17.92 4.58 -1.34
C ASN A 127 17.26 5.39 -2.45
N ALA A 128 16.21 6.14 -2.11
CA ALA A 128 15.49 6.97 -3.07
C ALA A 128 16.25 8.26 -3.39
N LYS A 129 17.23 8.58 -2.56
CA LYS A 129 18.05 9.77 -2.70
C LYS A 129 17.30 11.07 -2.94
N ILE A 130 16.35 11.36 -2.05
CA ILE A 130 15.56 12.58 -2.12
C ILE A 130 16.47 13.66 -1.51
N THR A 131 16.69 14.73 -2.26
CA THR A 131 17.61 15.79 -1.83
C THR A 131 17.04 17.06 -1.19
N THR A 132 15.72 17.20 -1.16
CA THR A 132 15.11 18.40 -0.58
C THR A 132 14.31 18.15 0.69
N GLY A 133 14.03 19.23 1.42
CA GLY A 133 13.26 19.14 2.66
C GLY A 133 13.83 18.15 3.65
N ASP A 134 12.95 17.36 4.27
CA ASP A 134 13.38 16.35 5.24
C ASP A 134 13.86 15.07 4.57
N GLN A 135 13.86 15.08 3.23
CA GLN A 135 14.33 13.96 2.41
C GLN A 135 13.56 12.65 2.62
N SER A 136 12.29 12.77 3.02
CA SER A 136 11.43 11.61 3.23
C SER A 136 10.45 11.49 2.06
N ARG A 137 9.62 10.45 2.09
CA ARG A 137 8.64 10.21 1.03
C ARG A 137 7.67 11.37 0.82
N LYS A 138 7.42 12.15 1.88
CA LYS A 138 6.50 13.28 1.81
C LYS A 138 6.93 14.27 0.71
N GLU A 139 8.23 14.37 0.52
CA GLU A 139 8.82 15.27 -0.47
C GLU A 139 8.52 14.93 -1.93
N LEU A 140 8.05 13.72 -2.20
CA LEU A 140 7.74 13.28 -3.56
C LEU A 140 6.33 13.65 -4.03
N GLY A 141 5.43 13.86 -3.07
CA GLY A 141 4.05 14.18 -3.40
C GLY A 141 3.28 12.88 -3.62
N LEU A 142 2.06 12.99 -4.13
CA LEU A 142 1.22 11.83 -4.40
C LEU A 142 0.38 12.07 -5.65
N GLY A 143 -0.37 11.06 -6.08
CA GLY A 143 -1.21 11.23 -7.25
C GLY A 143 -1.06 10.21 -8.36
N ILE A 144 -2.13 10.05 -9.14
CA ILE A 144 -2.14 9.10 -10.25
C ILE A 144 -1.06 9.39 -11.29
N ASN A 145 -0.94 10.65 -11.71
CA ASN A 145 0.08 11.03 -12.69
C ASN A 145 1.49 10.78 -12.18
N LEU A 146 1.68 10.90 -10.86
CA LEU A 146 2.98 10.66 -10.25
C LEU A 146 3.27 9.15 -10.31
N LEU A 147 2.26 8.33 -10.01
CA LEU A 147 2.41 6.87 -10.05
C LEU A 147 2.81 6.43 -11.46
N ILE A 148 2.17 7.02 -12.46
CA ILE A 148 2.46 6.72 -13.86
C ILE A 148 3.92 7.04 -14.19
N THR A 149 4.39 8.20 -13.75
CA THR A 149 5.77 8.64 -13.97
C THR A 149 6.77 7.69 -13.30
N MET A 150 6.47 7.28 -12.07
CA MET A 150 7.33 6.36 -11.32
C MET A 150 7.41 4.98 -11.99
N ILE A 151 6.28 4.51 -12.53
CA ILE A 151 6.24 3.23 -13.23
C ILE A 151 7.14 3.27 -14.46
N ASP A 152 7.21 4.44 -15.11
CA ASP A 152 8.06 4.61 -16.29
C ASP A 152 9.54 4.40 -15.93
N GLY A 153 9.88 4.66 -14.68
CA GLY A 153 11.24 4.49 -14.23
C GLY A 153 11.68 3.04 -14.07
N VAL A 154 10.72 2.12 -13.96
CA VAL A 154 11.07 0.71 -13.78
C VAL A 154 10.59 -0.18 -14.94
N ASN A 155 9.55 0.26 -15.63
CA ASN A 155 8.98 -0.50 -16.74
C ASN A 155 9.89 -0.56 -17.97
N LYS A 156 10.31 -1.77 -18.31
CA LYS A 156 11.17 -2.03 -19.47
C LYS A 156 12.46 -1.21 -19.48
N LYS A 157 13.15 -1.20 -18.34
CA LYS A 157 14.39 -0.46 -18.22
C LYS A 157 15.37 -1.17 -17.30
N VAL A 158 16.65 -0.81 -17.40
CA VAL A 158 17.68 -1.39 -16.55
C VAL A 158 17.39 -0.94 -15.12
N ARG A 159 17.60 -1.84 -14.17
CA ARG A 159 17.34 -1.52 -12.78
C ARG A 159 18.26 -0.46 -12.20
N VAL A 160 17.66 0.62 -11.72
CA VAL A 160 18.39 1.72 -11.09
C VAL A 160 17.74 1.83 -9.71
N VAL A 161 18.52 1.57 -8.66
CA VAL A 161 18.04 1.60 -7.29
C VAL A 161 17.24 2.86 -6.92
N LYS A 162 17.76 4.04 -7.27
CA LYS A 162 17.09 5.31 -6.95
C LYS A 162 15.67 5.34 -7.51
N ASP A 163 15.51 4.91 -8.76
CA ASP A 163 14.21 4.90 -9.42
C ASP A 163 13.29 3.83 -8.87
N GLU A 164 13.87 2.69 -8.52
CA GLU A 164 13.12 1.57 -7.94
C GLU A 164 12.56 1.99 -6.59
N ALA A 165 13.39 2.59 -5.75
CA ALA A 165 13.00 3.04 -4.43
C ALA A 165 11.87 4.07 -4.48
N ARG A 166 11.97 5.04 -5.38
CA ARG A 166 10.94 6.06 -5.52
C ARG A 166 9.62 5.44 -5.99
N PHE A 167 9.71 4.47 -6.89
CA PHE A 167 8.53 3.78 -7.38
C PHE A 167 7.84 3.10 -6.21
N LEU A 168 8.61 2.36 -5.41
CA LEU A 168 8.08 1.64 -4.25
C LEU A 168 7.39 2.56 -3.24
N LEU A 169 8.00 3.70 -2.94
CA LEU A 169 7.42 4.66 -2.00
C LEU A 169 6.04 5.11 -2.47
N ILE A 170 5.91 5.41 -3.76
CA ILE A 170 4.64 5.85 -4.30
C ILE A 170 3.63 4.70 -4.44
N ALA A 171 4.08 3.56 -4.95
CA ALA A 171 3.23 2.40 -5.13
C ALA A 171 2.62 1.92 -3.80
N ILE A 172 3.43 1.89 -2.74
CA ILE A 172 2.95 1.46 -1.41
C ILE A 172 1.89 2.40 -0.86
N GLN A 173 2.14 3.70 -0.98
CA GLN A 173 1.22 4.70 -0.47
C GLN A 173 -0.08 4.77 -1.25
N MET A 174 0.00 4.61 -2.58
CA MET A 174 -1.16 4.66 -3.46
C MET A 174 -2.03 3.40 -3.41
N THR A 175 -1.51 2.33 -2.79
CA THR A 175 -2.28 1.09 -2.68
C THR A 175 -2.57 0.72 -1.22
N ALA A 176 -1.57 0.17 -0.55
CA ALA A 176 -1.70 -0.24 0.85
C ALA A 176 -2.16 0.86 1.78
N GLU A 177 -1.49 2.02 1.74
CA GLU A 177 -1.87 3.13 2.61
C GLU A 177 -3.23 3.72 2.26
N ALA A 178 -3.52 3.85 0.96
CA ALA A 178 -4.81 4.37 0.52
C ALA A 178 -5.93 3.42 0.93
N ALA A 179 -5.65 2.12 0.93
CA ALA A 179 -6.65 1.12 1.35
C ALA A 179 -6.95 1.28 2.85
N ARG A 180 -5.91 1.49 3.64
CA ARG A 180 -6.04 1.66 5.08
C ARG A 180 -6.69 2.98 5.52
N PHE A 181 -6.33 4.05 4.81
CA PHE A 181 -6.80 5.41 5.13
C PHE A 181 -7.60 6.07 4.03
N ARG A 182 -8.90 6.27 4.27
CA ARG A 182 -9.76 6.92 3.28
C ARG A 182 -9.38 8.38 3.06
N TYR A 183 -8.72 8.99 4.04
CA TYR A 183 -8.29 10.37 3.91
C TYR A 183 -7.33 10.46 2.72
N ILE A 184 -6.43 9.48 2.63
CA ILE A 184 -5.46 9.41 1.54
C ILE A 184 -6.16 9.14 0.21
N GLN A 185 -7.14 8.23 0.21
CA GLN A 185 -7.89 7.91 -1.01
C GLN A 185 -8.61 9.17 -1.51
N ASN A 186 -9.27 9.86 -0.60
CA ASN A 186 -10.02 11.08 -0.92
C ASN A 186 -9.14 12.18 -1.49
N LEU A 187 -7.90 12.27 -1.02
CA LEU A 187 -6.96 13.28 -1.51
C LEU A 187 -6.64 12.97 -2.98
N VAL A 188 -6.41 11.70 -3.28
CA VAL A 188 -6.10 11.26 -4.64
C VAL A 188 -7.27 11.53 -5.61
N THR A 189 -8.48 11.15 -5.21
CA THR A 189 -9.65 11.36 -6.07
C THR A 189 -10.05 12.84 -6.19
N LYS A 190 -9.80 13.61 -5.13
CA LYS A 190 -10.14 15.03 -5.13
C LYS A 190 -9.24 15.78 -6.11
N ASN A 191 -8.01 15.29 -6.27
CA ASN A 191 -7.04 15.90 -7.16
C ASN A 191 -6.84 15.10 -8.46
N PHE A 192 -7.68 14.08 -8.66
CA PHE A 192 -7.60 13.21 -9.84
C PHE A 192 -7.48 13.94 -11.17
N PRO A 193 -6.47 13.56 -12.00
CA PRO A 193 -5.47 12.51 -11.79
C PRO A 193 -4.10 13.13 -11.51
N ASN A 194 -4.11 14.40 -11.17
CA ASN A 194 -2.89 15.17 -10.94
C ASN A 194 -2.02 14.78 -9.77
N LYS A 195 -0.77 15.19 -9.89
CA LYS A 195 0.24 15.02 -8.85
C LYS A 195 -0.06 16.20 -7.93
N PHE A 196 0.08 15.99 -6.63
CA PHE A 196 -0.16 17.04 -5.66
C PHE A 196 0.76 16.86 -4.46
N ASP A 197 0.81 17.86 -3.58
CA ASP A 197 1.66 17.81 -2.41
C ASP A 197 1.09 16.89 -1.32
N SER A 198 1.98 16.17 -0.63
CA SER A 198 1.54 15.33 0.46
C SER A 198 1.46 16.26 1.69
N GLU A 199 1.02 15.74 2.83
CA GLU A 199 0.87 16.54 4.04
C GLU A 199 1.40 15.81 5.26
N ASN A 200 1.62 16.54 6.35
CA ASN A 200 2.09 15.91 7.58
C ASN A 200 1.01 14.93 8.05
N LYS A 201 -0.25 15.29 7.85
CA LYS A 201 -1.37 14.46 8.25
C LYS A 201 -1.33 13.09 7.57
N VAL A 202 -0.87 13.05 6.33
CA VAL A 202 -0.76 11.81 5.58
C VAL A 202 0.27 10.90 6.26
N ILE A 203 1.43 11.46 6.58
CA ILE A 203 2.49 10.71 7.26
C ILE A 203 2.04 10.28 8.66
N GLN A 204 1.37 11.19 9.37
CA GLN A 204 0.88 10.92 10.72
C GLN A 204 -0.08 9.74 10.76
N PHE A 205 -0.95 9.65 9.76
CA PHE A 205 -1.88 8.52 9.65
C PHE A 205 -1.09 7.22 9.48
N GLN A 206 -0.17 7.23 8.51
CA GLN A 206 0.65 6.07 8.21
C GLN A 206 1.42 5.49 9.38
N VAL A 207 2.08 6.34 10.16
CA VAL A 207 2.86 5.84 11.29
C VAL A 207 2.00 5.44 12.50
N SER A 208 0.70 5.75 12.44
CA SER A 208 -0.19 5.43 13.56
C SER A 208 -1.27 4.39 13.27
N TRP A 209 -1.08 3.59 12.23
CA TRP A 209 -2.07 2.57 11.87
C TRP A 209 -2.39 1.62 13.03
N SER A 210 -1.34 1.07 13.64
CA SER A 210 -1.50 0.14 14.76
C SER A 210 -2.13 0.81 15.97
N LYS A 211 -1.71 2.03 16.28
CA LYS A 211 -2.25 2.77 17.42
C LYS A 211 -3.72 3.09 17.23
N ILE A 212 -4.07 3.49 16.01
CA ILE A 212 -5.46 3.82 15.70
C ILE A 212 -6.29 2.54 15.80
N SER A 213 -5.78 1.45 15.24
CA SER A 213 -6.48 0.16 15.27
C SER A 213 -6.71 -0.31 16.70
N THR A 214 -5.67 -0.22 17.52
CA THR A 214 -5.74 -0.64 18.93
C THR A 214 -6.76 0.22 19.69
N ALA A 215 -6.77 1.52 19.41
CA ALA A 215 -7.70 2.44 20.07
C ALA A 215 -9.15 2.10 19.76
N ILE A 216 -9.45 1.82 18.50
CA ILE A 216 -10.82 1.47 18.10
C ILE A 216 -11.19 0.08 18.64
N PHE A 217 -10.21 -0.83 18.61
CA PHE A 217 -10.40 -2.19 19.08
C PHE A 217 -10.70 -2.30 20.58
N GLY A 218 -9.91 -1.63 21.40
CA GLY A 218 -10.12 -1.75 22.85
C GLY A 218 -10.47 -0.54 23.70
N ASP A 219 -10.72 0.62 23.11
CA ASP A 219 -11.04 1.80 23.90
C ASP A 219 -12.05 2.68 23.17
N CYS A 220 -12.99 2.02 22.49
CA CYS A 220 -13.99 2.72 21.71
C CYS A 220 -15.34 2.01 21.83
N LYS A 221 -16.39 2.77 22.09
CA LYS A 221 -17.72 2.21 22.24
C LYS A 221 -18.70 2.92 21.31
N ASN A 222 -19.31 2.15 20.41
CA ASN A 222 -20.27 2.67 19.44
C ASN A 222 -19.68 3.86 18.67
N GLY A 223 -18.42 3.72 18.27
CA GLY A 223 -17.75 4.76 17.51
C GLY A 223 -17.20 5.93 18.30
N VAL A 224 -17.37 5.90 19.62
CA VAL A 224 -16.88 6.99 20.48
C VAL A 224 -15.76 6.48 21.37
N PHE A 225 -14.60 7.14 21.30
CA PHE A 225 -13.46 6.75 22.13
C PHE A 225 -13.75 7.08 23.59
N ASN A 226 -13.22 6.26 24.49
CA ASN A 226 -13.42 6.44 25.93
C ASN A 226 -12.68 7.66 26.46
N LYS A 227 -11.67 8.09 25.71
CA LYS A 227 -10.88 9.28 26.07
C LYS A 227 -10.43 9.95 24.78
N ASP A 228 -9.98 11.19 24.88
CA ASP A 228 -9.51 11.92 23.71
C ASP A 228 -8.20 11.33 23.23
N TYR A 229 -8.05 11.25 21.90
CA TYR A 229 -6.84 10.73 21.30
C TYR A 229 -6.25 11.77 20.37
N ASP A 230 -4.94 11.74 20.20
CA ASP A 230 -4.27 12.66 19.30
C ASP A 230 -3.16 11.86 18.63
N PHE A 231 -3.28 11.69 17.32
CA PHE A 231 -2.29 10.94 16.55
C PHE A 231 -1.31 11.85 15.82
N GLY A 232 -1.32 13.12 16.19
CA GLY A 232 -0.43 14.09 15.59
C GLY A 232 -1.10 15.27 14.92
N PHE A 233 -2.35 15.08 14.49
CA PHE A 233 -3.07 16.14 13.80
C PHE A 233 -4.27 16.71 14.58
N GLY A 234 -4.25 16.57 15.90
CA GLY A 234 -5.33 17.10 16.71
C GLY A 234 -6.14 16.07 17.49
N LYS A 235 -6.92 16.55 18.45
CA LYS A 235 -7.75 15.68 19.27
C LYS A 235 -8.92 15.07 18.51
N VAL A 236 -9.12 13.77 18.73
CA VAL A 236 -10.22 13.05 18.11
C VAL A 236 -11.02 12.30 19.19
N ARG A 237 -12.34 12.44 19.14
CA ARG A 237 -13.22 11.80 20.09
C ARG A 237 -14.05 10.70 19.42
N GLN A 238 -14.39 10.92 18.15
CA GLN A 238 -15.17 9.95 17.39
C GLN A 238 -14.34 9.30 16.29
N ALA A 239 -14.45 7.98 16.21
CA ALA A 239 -13.71 7.20 15.21
C ALA A 239 -14.01 7.63 13.77
N LYS A 240 -15.23 8.11 13.54
CA LYS A 240 -15.64 8.54 12.20
C LYS A 240 -14.76 9.66 11.65
N ASP A 241 -14.24 10.49 12.54
CA ASP A 241 -13.38 11.61 12.16
C ASP A 241 -12.04 11.14 11.58
N LEU A 242 -11.71 9.88 11.80
CA LEU A 242 -10.45 9.31 11.30
C LEU A 242 -10.55 8.81 9.86
N GLN A 243 -11.79 8.67 9.36
CA GLN A 243 -12.06 8.19 8.00
C GLN A 243 -11.23 6.95 7.67
N MET A 244 -11.30 5.94 8.53
CA MET A 244 -10.53 4.73 8.31
C MET A 244 -11.09 3.85 7.21
N GLY A 245 -10.19 3.20 6.49
CA GLY A 245 -10.59 2.32 5.41
C GLY A 245 -10.40 0.85 5.77
N LEU A 246 -9.37 0.57 6.56
CA LEU A 246 -9.09 -0.81 6.96
C LEU A 246 -8.31 -0.86 8.27
N LEU A 247 -8.80 -1.66 9.22
CA LEU A 247 -8.15 -1.80 10.50
C LEU A 247 -7.28 -3.05 10.59
N LYS A 248 -6.21 -2.96 11.36
CA LYS A 248 -5.28 -4.06 11.59
C LYS A 248 -5.94 -5.16 12.42
N TYR A 249 -5.63 -6.42 12.07
CA TYR A 249 -6.19 -7.55 12.81
C TYR A 249 -5.54 -7.65 14.19
N LEU A 250 -6.38 -7.58 15.22
CA LEU A 250 -5.92 -7.66 16.60
C LEU A 250 -6.64 -8.76 17.36
N GLY A 251 -7.42 -9.57 16.63
CA GLY A 251 -8.18 -10.65 17.24
C GLY A 251 -9.67 -10.33 17.22
N ARG A 252 -10.47 -11.17 17.86
CA ARG A 252 -11.91 -10.95 17.92
C ARG A 252 -12.22 -10.02 19.09
N PRO A 253 -13.21 -9.13 18.93
CA PRO A 253 -13.53 -8.22 20.04
C PRO A 253 -14.07 -8.93 21.30
N LYS A 254 -13.65 -8.44 22.47
CA LYS A 254 -14.08 -9.02 23.74
C LYS A 254 -15.28 -8.27 24.34
#